data_2RHL
#
_entry.id   2RHL
#
_cell.length_a   82.294
_cell.length_b   97.577
_cell.length_c   135.451
_cell.angle_alpha   90.000
_cell.angle_beta   90.000
_cell.angle_gamma   90.000
#
_symmetry.space_group_name_H-M   'P 21 21 21'
#
loop_
_entity.id
_entity.type
_entity.pdbx_description
1 polymer 'Cell Division Protein ftsZ'
2 non-polymer "GUANOSINE-5'-DIPHOSPHATE"
3 water water
#
_entity_poly.entity_id   1
_entity_poly.type   'polypeptide(L)'
_entity_poly.pdbx_seq_one_letter_code
;MASIKVIGVGGGGNNAVNRMIENEVQGVEYIAVNTDAQALNLSKAEVKMQIGAKLTRGLGAGANPEVGKKAAEESKEQIE
EALKGADMVFVTAGMGGGTGTGAAPVIAQIAKDLGALTVGVVTRPFTFEGRKRQLQAAGGISAMKEAVDTLIVIPNDRIL
EIVDKNTPMLEAFREADNVLRQGVQGISDLIATPGLINLDFADVKTIMSNKGSALMGIGIATGENRAAEAAKKAISSPLL
EAAIDGAQGVLMNITGGTNLSLYEVQEAADIVASASDQDVNMIFGSVINENLKDEIVVTVIATGFLENLYFQGHHHHHHE
YMPME
;
_entity_poly.pdbx_strand_id   A,B
#
# COMPACT_ATOMS: atom_id res chain seq x y z
N ALA A 2 32.53 10.20 9.94
CA ALA A 2 33.18 8.96 10.46
C ALA A 2 32.27 7.76 10.19
N SER A 3 30.96 7.92 10.45
CA SER A 3 29.96 6.95 9.99
C SER A 3 29.24 7.43 8.72
N ILE A 4 29.71 6.93 7.56
CA ILE A 4 29.17 7.32 6.24
C ILE A 4 28.46 6.11 5.62
N LYS A 5 27.17 6.27 5.31
CA LYS A 5 26.37 5.23 4.70
C LYS A 5 25.99 5.56 3.27
N VAL A 6 26.09 4.55 2.40
CA VAL A 6 25.63 4.62 1.02
C VAL A 6 24.48 3.61 0.85
N ILE A 7 23.32 4.12 0.48
CA ILE A 7 22.10 3.33 0.47
C ILE A 7 21.54 3.35 -0.94
N GLY A 8 21.57 2.18 -1.59
CA GLY A 8 21.15 2.07 -2.98
C GLY A 8 19.70 1.69 -3.03
N VAL A 9 18.92 2.34 -3.89
CA VAL A 9 17.47 2.19 -3.76
C VAL A 9 16.83 1.77 -5.08
N GLY A 10 16.28 0.56 -5.10
CA GLY A 10 15.74 -0.04 -6.31
C GLY A 10 16.83 -0.69 -7.18
N GLY A 11 16.42 -1.21 -8.34
CA GLY A 11 17.35 -1.89 -9.25
C GLY A 11 18.62 -1.11 -9.61
N GLY A 12 18.44 0.09 -10.15
CA GLY A 12 19.57 0.85 -10.64
C GLY A 12 20.47 1.28 -9.50
N GLY A 13 19.87 1.74 -8.41
CA GLY A 13 20.63 2.10 -7.23
C GLY A 13 21.44 0.95 -6.66
N ASN A 14 20.82 -0.22 -6.51
CA ASN A 14 21.55 -1.42 -6.06
C ASN A 14 22.68 -1.80 -7.04
N ASN A 15 22.46 -1.63 -8.35
CA ASN A 15 23.52 -1.91 -9.30
C ASN A 15 24.68 -0.92 -9.16
N ALA A 16 24.40 0.35 -8.91
CA ALA A 16 25.46 1.33 -8.62
C ALA A 16 26.25 0.96 -7.40
N VAL A 17 25.57 0.56 -6.34
CA VAL A 17 26.22 0.14 -5.09
C VAL A 17 27.12 -1.10 -5.33
N ASN A 18 26.71 -2.01 -6.21
CA ASN A 18 27.56 -3.13 -6.62
C ASN A 18 28.85 -2.66 -7.31
N ARG A 19 28.72 -1.77 -8.30
CA ARG A 19 29.86 -1.11 -8.91
C ARG A 19 30.82 -0.47 -7.90
N MET A 20 30.27 0.27 -6.94
CA MET A 20 31.07 0.87 -5.89
C MET A 20 31.83 -0.18 -5.12
N ILE A 21 31.15 -1.27 -4.76
CA ILE A 21 31.79 -2.38 -4.04
C ILE A 21 32.90 -3.03 -4.88
N GLU A 22 32.68 -3.15 -6.18
CA GLU A 22 33.63 -3.77 -7.12
C GLU A 22 34.84 -2.91 -7.34
N ASN A 23 34.67 -1.59 -7.35
CA ASN A 23 35.78 -0.66 -7.36
C ASN A 23 36.37 -0.45 -5.95
N GLU A 24 35.96 -1.27 -4.98
CA GLU A 24 36.45 -1.18 -3.58
C GLU A 24 36.61 0.25 -3.05
N VAL A 25 35.60 1.09 -3.33
CA VAL A 25 35.46 2.38 -2.68
C VAL A 25 35.48 2.13 -1.18
N GLN A 26 36.20 2.97 -0.45
CA GLN A 26 36.52 2.73 0.96
C GLN A 26 35.75 3.66 1.88
N GLY A 27 35.77 3.34 3.17
CA GLY A 27 35.32 4.24 4.21
C GLY A 27 33.82 4.36 4.35
N VAL A 28 33.06 3.58 3.56
CA VAL A 28 31.60 3.66 3.61
C VAL A 28 31.02 2.30 3.95
N GLU A 29 29.85 2.30 4.59
CA GLU A 29 29.04 1.08 4.77
C GLU A 29 27.88 1.13 3.79
N TYR A 30 27.65 0.01 3.08
CA TYR A 30 26.64 -0.10 2.04
C TYR A 30 25.37 -0.78 2.50
N ILE A 31 24.22 -0.24 2.08
CA ILE A 31 22.92 -0.82 2.35
C ILE A 31 22.18 -0.92 1.01
N ALA A 32 21.58 -2.07 0.76
CA ALA A 32 20.81 -2.25 -0.43
C ALA A 32 19.36 -2.41 -0.04
N VAL A 33 18.48 -1.73 -0.80
CA VAL A 33 17.06 -1.64 -0.45
C VAL A 33 16.26 -2.00 -1.70
N ASN A 34 15.29 -2.89 -1.55
CA ASN A 34 14.40 -3.21 -2.66
C ASN A 34 13.08 -3.78 -2.15
N THR A 35 12.06 -3.60 -2.98
CA THR A 35 10.77 -4.23 -2.79
C THR A 35 10.79 -5.62 -3.45
N ASP A 36 11.72 -5.84 -4.39
CA ASP A 36 11.87 -7.10 -5.13
C ASP A 36 12.90 -8.01 -4.45
N ALA A 37 12.43 -9.03 -3.73
CA ALA A 37 13.32 -9.90 -2.93
C ALA A 37 14.37 -10.63 -3.78
N GLN A 38 13.97 -11.06 -4.97
CA GLN A 38 14.84 -11.79 -5.87
C GLN A 38 16.01 -10.96 -6.36
N ALA A 39 15.75 -9.77 -6.90
CA ALA A 39 16.85 -8.82 -7.23
C ALA A 39 17.69 -8.44 -5.99
N LEU A 40 17.09 -8.40 -4.81
CA LEU A 40 17.81 -8.02 -3.60
C LEU A 40 18.84 -9.07 -3.29
N ASN A 41 18.47 -10.33 -3.45
CA ASN A 41 19.42 -11.44 -3.31
C ASN A 41 20.68 -11.32 -4.20
N LEU A 42 20.57 -10.63 -5.34
CA LEU A 42 21.75 -10.40 -6.19
C LEU A 42 22.63 -9.21 -5.78
N SER A 43 22.40 -8.61 -4.62
CA SER A 43 23.21 -7.45 -4.19
C SER A 43 24.45 -7.87 -3.43
N LYS A 44 25.54 -7.16 -3.63
CA LYS A 44 26.77 -7.40 -2.87
C LYS A 44 26.85 -6.56 -1.57
N ALA A 45 25.85 -5.74 -1.27
CA ALA A 45 25.91 -4.95 -0.04
C ALA A 45 25.88 -5.89 1.17
N GLU A 46 26.58 -5.49 2.21
CA GLU A 46 26.56 -6.19 3.49
C GLU A 46 25.16 -6.27 4.07
N VAL A 47 24.46 -5.13 4.13
CA VAL A 47 23.11 -5.04 4.63
C VAL A 47 22.10 -4.99 3.48
N LYS A 48 21.16 -5.93 3.49
CA LYS A 48 20.15 -6.11 2.44
C LYS A 48 18.78 -5.94 3.08
N MET A 49 18.09 -4.88 2.71
CA MET A 49 16.87 -4.44 3.39
C MET A 49 15.71 -4.62 2.41
N GLN A 50 14.78 -5.52 2.75
CA GLN A 50 13.58 -5.73 1.93
C GLN A 50 12.46 -4.90 2.53
N ILE A 51 12.01 -3.91 1.78
CA ILE A 51 10.98 -3.01 2.28
C ILE A 51 9.60 -3.38 1.69
N GLY A 52 8.56 -3.04 2.43
CA GLY A 52 7.18 -3.37 2.05
C GLY A 52 6.87 -4.86 1.88
N ALA A 53 7.30 -5.68 2.83
CA ALA A 53 7.06 -7.12 2.79
C ALA A 53 5.57 -7.37 2.65
N LYS A 54 4.80 -6.68 3.50
CA LYS A 54 3.35 -6.87 3.54
C LYS A 54 2.67 -6.38 2.25
N LEU A 55 3.16 -5.26 1.72
CA LEU A 55 2.46 -4.52 0.65
C LEU A 55 2.76 -5.19 -0.67
N THR A 56 3.97 -5.67 -0.84
CA THR A 56 4.43 -6.23 -2.12
C THR A 56 4.75 -7.72 -2.07
N ARG A 57 4.84 -8.30 -0.88
CA ARG A 57 5.18 -9.74 -0.69
C ARG A 57 6.46 -10.10 -1.42
N GLY A 58 7.38 -9.16 -1.48
CA GLY A 58 8.66 -9.39 -2.11
C GLY A 58 8.65 -9.33 -3.62
N LEU A 59 7.52 -9.02 -4.25
CA LEU A 59 7.46 -9.10 -5.71
C LEU A 59 7.72 -7.78 -6.48
N GLY A 60 8.27 -6.78 -5.79
CA GLY A 60 8.61 -5.52 -6.44
C GLY A 60 7.51 -4.51 -6.36
N ALA A 61 7.65 -3.42 -7.09
CA ALA A 61 6.74 -2.28 -7.04
C ALA A 61 6.00 -2.00 -8.36
N GLY A 62 6.12 -2.90 -9.32
CA GLY A 62 5.45 -2.80 -10.64
C GLY A 62 5.59 -1.45 -11.33
N ALA A 63 6.79 -0.87 -11.24
CA ALA A 63 7.06 0.42 -11.86
C ALA A 63 6.12 1.53 -11.32
N ASN A 64 5.57 1.36 -10.11
CA ASN A 64 4.64 2.35 -9.57
C ASN A 64 5.23 3.10 -8.35
N PRO A 65 5.54 4.40 -8.49
CA PRO A 65 6.13 5.14 -7.36
C PRO A 65 5.31 5.16 -6.10
N GLU A 66 4.00 5.06 -6.19
CA GLU A 66 3.20 5.06 -4.97
C GLU A 66 3.48 3.79 -4.12
N VAL A 67 3.75 2.66 -4.80
CA VAL A 67 4.06 1.43 -4.09
C VAL A 67 5.42 1.51 -3.45
N GLY A 68 6.39 2.14 -4.14
CA GLY A 68 7.72 2.38 -3.54
C GLY A 68 7.62 3.28 -2.31
N LYS A 69 6.88 4.37 -2.45
CA LYS A 69 6.59 5.26 -1.32
C LYS A 69 5.98 4.48 -0.17
N LYS A 70 4.89 3.77 -0.41
CA LYS A 70 4.21 3.07 0.69
C LYS A 70 5.00 1.88 1.26
N ALA A 71 5.84 1.26 0.45
CA ALA A 71 6.70 0.19 0.96
C ALA A 71 7.65 0.75 1.99
N ALA A 72 8.23 1.92 1.67
CA ALA A 72 9.21 2.54 2.57
C ALA A 72 8.53 3.06 3.85
N GLU A 73 7.27 3.49 3.74
CA GLU A 73 6.49 3.86 4.93
C GLU A 73 6.21 2.66 5.84
N GLU A 74 5.90 1.48 5.28
CA GLU A 74 5.73 0.27 6.11
C GLU A 74 6.98 -0.03 6.84
N SER A 75 8.09 0.12 6.14
CA SER A 75 9.39 -0.27 6.69
C SER A 75 10.12 0.91 7.37
N LYS A 76 9.37 1.97 7.70
CA LYS A 76 9.91 3.18 8.30
C LYS A 76 10.85 2.88 9.49
N GLU A 77 10.43 2.02 10.40
CA GLU A 77 11.25 1.75 11.59
C GLU A 77 12.51 0.95 11.30
N GLN A 78 12.48 0.06 10.33
CA GLN A 78 13.69 -0.69 9.97
C GLN A 78 14.74 0.19 9.28
N ILE A 79 14.27 1.14 8.46
CA ILE A 79 15.15 2.07 7.80
C ILE A 79 15.79 3.00 8.86
N GLU A 80 15.02 3.43 9.85
CA GLU A 80 15.53 4.24 10.99
C GLU A 80 16.67 3.52 11.71
N GLU A 81 16.36 2.30 12.15
CA GLU A 81 17.36 1.37 12.70
C GLU A 81 18.63 1.29 11.89
N ALA A 82 18.50 0.99 10.59
CA ALA A 82 19.66 0.76 9.75
C ALA A 82 20.52 2.02 9.58
N LEU A 83 19.95 3.20 9.78
CA LEU A 83 20.64 4.48 9.57
C LEU A 83 21.14 5.20 10.86
N LYS A 84 20.64 4.75 12.01
CA LYS A 84 21.16 5.06 13.35
C LYS A 84 22.66 5.37 13.37
N GLY A 85 23.05 6.52 13.92
CA GLY A 85 24.46 6.84 14.09
C GLY A 85 25.20 7.34 12.87
N ALA A 86 24.50 7.62 11.79
CA ALA A 86 25.20 8.08 10.58
C ALA A 86 25.45 9.56 10.74
N ASP A 87 26.64 10.00 10.34
CA ASP A 87 26.90 11.43 10.19
C ASP A 87 26.54 11.84 8.77
N MET A 88 26.73 10.92 7.83
CA MET A 88 26.46 11.23 6.43
C MET A 88 25.80 10.04 5.73
N VAL A 89 24.79 10.33 4.92
CA VAL A 89 24.05 9.34 4.18
C VAL A 89 23.89 9.76 2.74
N PHE A 90 24.41 8.94 1.82
CA PHE A 90 24.14 9.04 0.38
C PHE A 90 23.02 8.09 -0.03
N VAL A 91 22.03 8.62 -0.76
CA VAL A 91 20.89 7.86 -1.29
C VAL A 91 20.99 7.86 -2.82
N THR A 92 21.27 6.68 -3.42
CA THR A 92 21.39 6.58 -4.88
C THR A 92 20.26 5.78 -5.45
N ALA A 93 19.79 6.20 -6.61
CA ALA A 93 18.73 5.49 -7.30
C ALA A 93 18.66 5.97 -8.71
N GLY A 94 18.13 5.12 -9.58
CA GLY A 94 17.69 5.53 -10.88
C GLY A 94 16.27 6.05 -10.72
N MET A 95 16.00 7.27 -11.16
CA MET A 95 14.65 7.80 -11.05
C MET A 95 13.86 7.35 -12.28
N GLY A 96 12.56 7.09 -12.10
CA GLY A 96 11.67 6.71 -13.20
C GLY A 96 10.89 5.41 -13.00
N GLY A 97 11.44 4.51 -12.22
CA GLY A 97 10.75 3.26 -11.91
C GLY A 97 9.85 3.41 -10.69
N GLY A 98 9.76 2.38 -9.87
CA GLY A 98 8.82 2.37 -8.75
C GLY A 98 9.49 2.45 -7.38
N THR A 99 10.45 1.57 -7.14
CA THR A 99 11.06 1.49 -5.84
C THR A 99 11.93 2.72 -5.59
N GLY A 100 12.77 3.07 -6.55
CA GLY A 100 13.62 4.28 -6.47
C GLY A 100 12.84 5.56 -6.35
N THR A 101 12.01 5.85 -7.33
CA THR A 101 11.26 7.11 -7.39
C THR A 101 10.51 7.34 -6.10
N GLY A 102 9.93 6.25 -5.59
CA GLY A 102 8.94 6.30 -4.55
C GLY A 102 9.57 6.21 -3.18
N ALA A 103 10.52 5.30 -3.02
CA ALA A 103 11.10 5.04 -1.70
C ALA A 103 12.33 5.91 -1.41
N ALA A 104 13.08 6.34 -2.42
CA ALA A 104 14.31 7.08 -2.11
C ALA A 104 14.05 8.39 -1.32
N PRO A 105 13.02 9.18 -1.70
CA PRO A 105 12.66 10.37 -0.90
C PRO A 105 12.30 10.06 0.54
N VAL A 106 11.51 9.01 0.78
CA VAL A 106 11.15 8.66 2.14
C VAL A 106 12.40 8.29 2.94
N ILE A 107 13.32 7.57 2.32
CA ILE A 107 14.57 7.17 2.96
C ILE A 107 15.48 8.38 3.21
N ALA A 108 15.49 9.32 2.25
CA ALA A 108 16.27 10.54 2.37
C ALA A 108 15.78 11.37 3.56
N GLN A 109 14.47 11.56 3.65
CA GLN A 109 13.82 12.29 4.72
C GLN A 109 14.06 11.66 6.08
N ILE A 110 14.07 10.33 6.15
CA ILE A 110 14.39 9.64 7.42
C ILE A 110 15.85 9.95 7.79
N ALA A 111 16.75 9.91 6.81
CA ALA A 111 18.14 10.24 7.04
C ALA A 111 18.26 11.65 7.62
N LYS A 112 17.56 12.59 7.01
CA LYS A 112 17.67 13.98 7.39
C LYS A 112 17.10 14.22 8.80
N ASP A 113 15.92 13.69 9.09
CA ASP A 113 15.33 13.79 10.42
C ASP A 113 16.25 13.25 11.52
N LEU A 114 17.07 12.25 11.23
CA LEU A 114 18.05 11.74 12.22
C LEU A 114 19.29 12.65 12.42
N GLY A 115 19.38 13.80 11.74
CA GLY A 115 20.62 14.61 11.80
C GLY A 115 21.77 14.30 10.83
N ALA A 116 21.65 13.28 9.98
CA ALA A 116 22.70 13.02 8.99
C ALA A 116 22.73 14.07 7.89
N LEU A 117 23.94 14.40 7.44
CA LEU A 117 24.11 15.15 6.21
C LEU A 117 23.69 14.21 5.07
N THR A 118 22.61 14.61 4.39
CA THR A 118 21.94 13.77 3.37
C THR A 118 22.12 14.28 1.94
N VAL A 119 22.89 13.53 1.16
CA VAL A 119 23.18 13.86 -0.25
C VAL A 119 22.53 12.79 -1.11
N GLY A 120 21.72 13.22 -2.07
CA GLY A 120 21.13 12.32 -3.06
C GLY A 120 21.95 12.38 -4.33
N VAL A 121 22.12 11.21 -4.96
CA VAL A 121 22.81 11.05 -6.23
C VAL A 121 21.92 10.14 -7.10
N VAL A 122 21.22 10.75 -8.05
CA VAL A 122 20.23 10.05 -8.83
C VAL A 122 20.42 10.38 -10.29
N THR A 123 19.83 9.55 -11.14
CA THR A 123 19.83 9.76 -12.58
C THR A 123 18.43 10.10 -13.06
N ARG A 124 18.36 10.99 -14.04
CA ARG A 124 17.15 11.19 -14.82
C ARG A 124 17.24 10.20 -16.02
N PRO A 125 16.13 9.51 -16.37
CA PRO A 125 16.19 8.43 -17.39
C PRO A 125 16.51 8.83 -18.84
N PHE A 126 17.08 7.88 -19.60
CA PHE A 126 17.33 8.07 -21.04
C PHE A 126 16.00 8.34 -21.70
N THR A 127 15.98 9.28 -22.64
CA THR A 127 14.82 9.57 -23.47
C THR A 127 14.23 8.33 -24.13
N PHE A 128 15.07 7.37 -24.47
CA PHE A 128 14.59 6.20 -25.15
C PHE A 128 13.75 5.28 -24.24
N GLU A 129 13.63 5.62 -22.96
CA GLU A 129 12.84 4.78 -22.08
C GLU A 129 11.40 5.23 -22.14
N GLY A 130 11.17 6.38 -22.78
CA GLY A 130 9.83 6.87 -23.02
C GLY A 130 9.32 7.95 -22.10
N ARG A 131 8.18 8.51 -22.48
CA ARG A 131 7.59 9.66 -21.80
C ARG A 131 7.09 9.32 -20.39
N LYS A 132 6.54 8.13 -20.19
CA LYS A 132 6.04 7.75 -18.88
C LYS A 132 7.18 7.69 -17.80
N ARG A 133 8.30 7.07 -18.16
CA ARG A 133 9.46 7.09 -17.28
C ARG A 133 9.96 8.50 -16.90
N GLN A 134 10.02 9.43 -17.87
CA GLN A 134 10.57 10.78 -17.65
C GLN A 134 9.71 11.54 -16.67
N LEU A 135 8.43 11.33 -16.83
CA LEU A 135 7.43 11.99 -16.06
C LEU A 135 7.45 11.50 -14.62
N GLN A 136 7.54 10.18 -14.42
CA GLN A 136 7.63 9.64 -13.05
C GLN A 136 8.95 10.09 -12.42
N ALA A 137 10.02 10.11 -13.21
CA ALA A 137 11.32 10.56 -12.72
C ALA A 137 11.27 12.03 -12.29
N ALA A 138 10.69 12.89 -13.12
CA ALA A 138 10.55 14.32 -12.81
C ALA A 138 9.90 14.48 -11.45
N GLY A 139 8.89 13.66 -11.19
CA GLY A 139 8.15 13.68 -9.95
C GLY A 139 8.95 13.28 -8.77
N GLY A 140 9.68 12.19 -8.90
CA GLY A 140 10.59 11.75 -7.85
C GLY A 140 11.74 12.72 -7.61
N ILE A 141 12.24 13.35 -8.66
CA ILE A 141 13.36 14.27 -8.50
C ILE A 141 12.93 15.46 -7.61
N SER A 142 11.73 15.99 -7.85
CA SER A 142 11.26 17.09 -7.04
C SER A 142 10.95 16.63 -5.61
N ALA A 143 10.29 15.49 -5.43
CA ALA A 143 10.16 14.93 -4.09
C ALA A 143 11.51 14.77 -3.37
N MET A 144 12.50 14.23 -4.09
CA MET A 144 13.83 13.99 -3.53
C MET A 144 14.42 15.30 -3.03
N LYS A 145 14.31 16.39 -3.80
CA LYS A 145 15.05 17.54 -3.34
C LYS A 145 14.38 18.26 -2.23
N GLU A 146 13.14 17.94 -1.91
CA GLU A 146 12.54 18.33 -0.64
C GLU A 146 13.15 17.54 0.52
N ALA A 147 13.80 16.41 0.27
CA ALA A 147 14.14 15.40 1.33
C ALA A 147 15.63 15.29 1.64
N VAL A 148 16.45 16.06 0.93
CA VAL A 148 17.90 15.97 1.05
C VAL A 148 18.51 17.33 1.28
N ASP A 149 19.78 17.34 1.70
CA ASP A 149 20.55 18.57 1.74
C ASP A 149 21.05 19.01 0.35
N THR A 150 21.51 18.06 -0.49
CA THR A 150 21.83 18.32 -1.91
C THR A 150 21.47 17.12 -2.78
N LEU A 151 20.93 17.40 -3.96
CA LEU A 151 20.58 16.38 -4.93
C LEU A 151 21.38 16.60 -6.18
N ILE A 152 22.29 15.69 -6.42
CA ILE A 152 22.99 15.59 -7.66
C ILE A 152 22.10 14.77 -8.62
N VAL A 153 21.74 15.40 -9.75
CA VAL A 153 20.95 14.78 -10.81
C VAL A 153 21.79 14.59 -12.07
N ILE A 154 21.96 13.32 -12.45
CA ILE A 154 22.69 12.97 -13.65
C ILE A 154 21.72 12.70 -14.81
N PRO A 155 21.81 13.49 -15.89
CA PRO A 155 20.95 13.25 -17.03
C PRO A 155 21.53 12.14 -17.88
N ASN A 156 20.94 10.96 -17.83
CA ASN A 156 21.42 9.84 -18.62
C ASN A 156 21.60 10.12 -20.12
N ASP A 157 20.79 10.99 -20.73
CA ASP A 157 21.03 11.26 -22.16
C ASP A 157 22.48 11.64 -22.44
N ARG A 158 23.03 12.51 -21.60
CA ARG A 158 24.39 13.01 -21.82
C ARG A 158 25.48 11.95 -21.73
N ILE A 159 25.22 10.82 -21.08
CA ILE A 159 26.14 9.69 -21.12
C ILE A 159 26.41 9.20 -22.57
N LEU A 160 25.41 9.27 -23.43
CA LEU A 160 25.54 8.85 -24.84
C LEU A 160 26.55 9.72 -25.62
N GLU A 161 26.69 10.97 -25.22
CA GLU A 161 27.74 11.83 -25.75
C GLU A 161 29.14 11.56 -25.16
N ILE A 162 29.27 10.56 -24.28
CA ILE A 162 30.55 10.28 -23.60
C ILE A 162 31.04 8.88 -23.93
N VAL A 163 30.12 7.94 -24.10
CA VAL A 163 30.46 6.60 -24.55
C VAL A 163 30.29 6.50 -26.06
N ASP A 164 30.92 5.49 -26.65
CA ASP A 164 31.00 5.36 -28.12
C ASP A 164 29.60 5.25 -28.76
N LYS A 165 29.54 5.57 -30.05
CA LYS A 165 28.28 5.66 -30.81
C LYS A 165 27.45 4.36 -30.68
N ASN A 166 28.14 3.23 -30.89
CA ASN A 166 27.58 1.87 -30.73
C ASN A 166 27.73 1.39 -29.28
N THR A 167 26.65 1.51 -28.51
CA THR A 167 26.59 1.00 -27.14
C THR A 167 25.20 0.44 -26.91
N PRO A 168 25.10 -0.90 -26.72
CA PRO A 168 23.79 -1.44 -26.40
C PRO A 168 23.27 -0.91 -25.06
N MET A 169 22.07 -1.31 -24.70
CA MET A 169 21.44 -0.85 -23.47
C MET A 169 22.25 -1.31 -22.27
N LEU A 170 22.41 -2.62 -22.12
CA LEU A 170 23.07 -3.17 -20.95
C LEU A 170 24.33 -2.38 -20.57
N GLU A 171 25.09 -2.00 -21.59
CA GLU A 171 26.38 -1.33 -21.39
C GLU A 171 26.18 0.14 -21.06
N ALA A 172 25.26 0.78 -21.74
CA ALA A 172 24.83 2.13 -21.40
C ALA A 172 24.44 2.25 -19.91
N PHE A 173 23.68 1.28 -19.40
CA PHE A 173 23.27 1.26 -18.00
C PHE A 173 24.43 0.93 -17.09
N ARG A 174 25.44 0.25 -17.62
CA ARG A 174 26.62 -0.04 -16.79
C ARG A 174 27.46 1.24 -16.62
N GLU A 175 27.47 2.11 -17.62
CA GLU A 175 28.15 3.38 -17.47
C GLU A 175 27.35 4.36 -16.56
N ALA A 176 26.04 4.19 -16.49
CA ALA A 176 25.22 4.91 -15.56
C ALA A 176 25.55 4.47 -14.13
N ASP A 177 25.76 3.18 -13.90
CA ASP A 177 26.26 2.72 -12.58
C ASP A 177 27.56 3.45 -12.19
N ASN A 178 28.40 3.71 -13.18
CA ASN A 178 29.73 4.23 -12.94
C ASN A 178 29.70 5.75 -12.68
N VAL A 179 28.75 6.46 -13.30
CA VAL A 179 28.60 7.87 -13.06
C VAL A 179 28.01 8.06 -11.66
N LEU A 180 27.02 7.23 -11.29
CA LEU A 180 26.49 7.25 -9.93
C LEU A 180 27.60 7.02 -8.89
N ARG A 181 28.43 6.01 -9.13
CA ARG A 181 29.58 5.73 -8.29
C ARG A 181 30.53 6.91 -8.22
N GLN A 182 30.78 7.58 -9.35
CA GLN A 182 31.66 8.74 -9.34
C GLN A 182 31.09 9.91 -8.50
N GLY A 183 29.77 10.12 -8.58
CA GLY A 183 29.09 11.17 -7.82
C GLY A 183 29.21 10.96 -6.32
N VAL A 184 28.95 9.74 -5.86
CA VAL A 184 29.14 9.38 -4.48
C VAL A 184 30.61 9.43 -4.06
N GLN A 185 31.46 8.70 -4.75
CA GLN A 185 32.88 8.66 -4.42
C GLN A 185 33.55 10.02 -4.48
N GLY A 186 33.26 10.81 -5.49
CA GLY A 186 33.89 12.11 -5.57
C GLY A 186 33.78 12.87 -4.26
N ILE A 187 32.66 12.68 -3.54
CA ILE A 187 32.45 13.35 -2.26
C ILE A 187 33.05 12.51 -1.13
N SER A 188 32.62 11.26 -1.03
CA SER A 188 32.96 10.43 0.11
C SER A 188 34.46 10.24 0.28
N ASP A 189 35.20 10.18 -0.82
CA ASP A 189 36.66 9.94 -0.72
C ASP A 189 37.38 11.04 0.05
N LEU A 190 36.91 12.28 -0.11
CA LEU A 190 37.46 13.47 0.55
C LEU A 190 37.14 13.50 2.05
N ILE A 191 36.07 12.85 2.45
CA ILE A 191 35.56 12.88 3.82
C ILE A 191 35.84 11.60 4.59
N ALA A 192 35.94 10.46 3.92
CA ALA A 192 36.18 9.20 4.61
C ALA A 192 37.52 9.26 5.37
N THR A 193 38.59 9.62 4.66
CA THR A 193 39.93 9.91 5.28
C THR A 193 40.31 11.39 5.10
N PRO A 194 40.90 12.01 6.14
CA PRO A 194 41.19 13.47 6.11
C PRO A 194 41.75 14.03 4.78
N GLY A 195 42.90 13.50 4.34
CA GLY A 195 43.56 13.97 3.13
C GLY A 195 44.73 14.89 3.42
N LEU A 196 45.64 14.97 2.45
CA LEU A 196 46.80 15.88 2.53
C LEU A 196 46.30 17.31 2.56
N ILE A 197 45.36 17.64 1.65
CA ILE A 197 44.53 18.83 1.84
C ILE A 197 43.46 18.49 2.88
N ASN A 198 43.52 19.12 4.05
CA ASN A 198 42.54 18.81 5.10
C ASN A 198 41.17 19.35 4.73
N LEU A 199 40.13 18.61 5.08
CA LEU A 199 38.80 18.85 4.54
C LEU A 199 37.77 18.20 5.46
N ASP A 200 37.20 19.00 6.35
CA ASP A 200 36.23 18.51 7.37
C ASP A 200 34.78 18.64 6.92
N PHE A 201 33.85 18.18 7.76
CA PHE A 201 32.43 18.20 7.44
C PHE A 201 31.86 19.58 7.18
N ALA A 202 32.30 20.55 7.97
CA ALA A 202 31.95 21.96 7.81
C ALA A 202 32.31 22.48 6.43
N ASP A 203 33.48 22.08 5.94
CA ASP A 203 33.91 22.51 4.60
C ASP A 203 32.81 22.04 3.62
N VAL A 204 32.41 20.78 3.76
CA VAL A 204 31.40 20.19 2.90
C VAL A 204 30.01 20.77 3.12
N LYS A 205 29.60 20.95 4.38
CA LYS A 205 28.31 21.59 4.62
C LYS A 205 28.21 22.96 3.92
N THR A 206 29.34 23.62 3.82
CA THR A 206 29.45 24.89 3.09
C THR A 206 28.82 24.84 1.68
N ILE A 207 29.23 23.89 0.87
CA ILE A 207 28.71 23.80 -0.46
C ILE A 207 27.42 22.98 -0.55
N MET A 208 27.01 22.34 0.57
CA MET A 208 25.91 21.39 0.60
C MET A 208 24.66 22.11 0.86
N SER A 209 24.24 22.90 -0.13
CA SER A 209 23.06 23.71 -0.01
C SER A 209 22.37 23.72 -1.35
N ASN A 210 21.55 22.70 -1.58
CA ASN A 210 20.82 22.74 -2.81
C ASN A 210 19.29 22.90 -2.67
N LYS A 211 18.92 24.14 -3.02
CA LYS A 211 17.82 24.49 -3.91
C LYS A 211 18.37 24.48 -5.35
N GLY A 212 17.68 23.79 -6.26
CA GLY A 212 18.22 23.52 -7.61
C GLY A 212 18.95 22.19 -7.62
N SER A 213 18.88 21.46 -8.74
CA SER A 213 19.65 20.23 -8.92
C SER A 213 21.14 20.57 -8.93
N ALA A 214 21.93 19.91 -8.10
CA ALA A 214 23.39 19.94 -8.24
C ALA A 214 23.83 19.12 -9.47
N LEU A 215 24.93 19.52 -10.10
CA LEU A 215 25.40 18.82 -11.29
C LEU A 215 26.82 18.34 -11.10
N MET A 216 27.22 17.36 -11.87
CA MET A 216 28.58 16.86 -11.78
C MET A 216 29.23 16.79 -13.15
N GLY A 217 30.53 17.13 -13.16
CA GLY A 217 31.39 16.91 -14.30
C GLY A 217 32.53 16.00 -13.91
N ILE A 218 32.99 15.20 -14.87
CA ILE A 218 34.10 14.26 -14.69
C ILE A 218 35.05 14.37 -15.88
N GLY A 219 36.37 14.28 -15.60
CA GLY A 219 37.40 14.28 -16.64
C GLY A 219 38.51 13.30 -16.32
N ILE A 220 38.85 12.44 -17.29
CA ILE A 220 39.92 11.44 -17.10
C ILE A 220 41.02 11.68 -18.15
N ALA A 221 42.28 11.45 -17.75
CA ALA A 221 43.43 11.65 -18.64
C ALA A 221 44.68 10.88 -18.18
N THR A 222 45.56 10.62 -19.15
CA THR A 222 46.91 10.10 -18.93
C THR A 222 47.82 11.00 -19.78
N GLY A 223 49.12 10.74 -19.74
CA GLY A 223 50.06 11.55 -20.51
C GLY A 223 50.55 12.79 -19.75
N GLU A 224 51.32 13.62 -20.44
CA GLU A 224 52.20 14.53 -19.75
C GLU A 224 51.50 15.83 -19.39
N ASN A 225 50.41 16.15 -20.09
CA ASN A 225 49.55 17.26 -19.65
C ASN A 225 48.24 16.74 -19.03
N ARG A 226 48.33 15.59 -18.39
CA ARG A 226 47.14 14.91 -17.84
C ARG A 226 46.31 15.76 -16.87
N ALA A 227 46.96 16.62 -16.08
CA ALA A 227 46.27 17.44 -15.10
C ALA A 227 45.36 18.47 -15.75
N ALA A 228 45.91 19.28 -16.63
CA ALA A 228 45.09 20.26 -17.36
C ALA A 228 44.02 19.59 -18.24
N GLU A 229 44.33 18.44 -18.81
CA GLU A 229 43.42 17.73 -19.73
C GLU A 229 42.22 17.12 -18.96
N ALA A 230 42.49 16.62 -17.74
CA ALA A 230 41.43 16.11 -16.84
C ALA A 230 40.60 17.25 -16.28
N ALA A 231 41.26 18.31 -15.83
CA ALA A 231 40.55 19.48 -15.31
C ALA A 231 39.65 20.07 -16.37
N LYS A 232 40.17 20.18 -17.58
CA LYS A 232 39.46 20.83 -18.68
C LYS A 232 38.25 19.97 -19.07
N LYS A 233 38.48 18.66 -19.22
CA LYS A 233 37.42 17.71 -19.54
C LYS A 233 36.28 17.73 -18.52
N ALA A 234 36.60 17.88 -17.23
CA ALA A 234 35.61 17.88 -16.16
C ALA A 234 34.72 19.12 -16.19
N ILE A 235 35.32 20.31 -16.31
CA ILE A 235 34.56 21.56 -16.43
C ILE A 235 33.81 21.63 -17.77
N SER A 236 34.11 20.69 -18.68
CA SER A 236 33.48 20.56 -20.00
C SER A 236 32.55 19.36 -20.20
N SER A 237 32.32 18.57 -19.17
CA SER A 237 31.59 17.29 -19.31
C SER A 237 30.17 17.54 -19.81
N PRO A 238 29.71 16.74 -20.79
CA PRO A 238 28.29 16.73 -21.15
C PRO A 238 27.34 16.60 -19.94
N LEU A 239 27.77 15.95 -18.86
CA LEU A 239 26.93 15.77 -17.68
C LEU A 239 26.67 17.05 -16.94
N LEU A 240 27.44 18.08 -17.24
CA LEU A 240 27.32 19.35 -16.56
C LEU A 240 26.49 20.24 -17.48
N GLU A 241 25.17 20.09 -17.41
CA GLU A 241 24.23 20.78 -18.32
C GLU A 241 24.10 22.30 -18.09
N ALA A 242 24.77 22.84 -17.07
CA ALA A 242 24.87 24.28 -16.85
C ALA A 242 26.34 24.61 -16.60
N ALA A 243 26.85 25.62 -17.30
CA ALA A 243 28.20 26.13 -17.09
C ALA A 243 28.51 26.32 -15.60
N ILE A 244 29.72 25.89 -15.25
CA ILE A 244 30.22 25.89 -13.89
C ILE A 244 30.41 27.28 -13.31
N ASP A 245 30.52 28.30 -14.18
CA ASP A 245 30.63 29.70 -13.75
C ASP A 245 29.33 30.21 -13.12
N GLY A 246 28.22 29.49 -13.36
CA GLY A 246 26.94 29.81 -12.75
C GLY A 246 26.73 29.32 -11.34
N ALA A 247 27.61 28.46 -10.83
CA ALA A 247 27.40 27.79 -9.53
C ALA A 247 27.92 28.61 -8.34
N GLN A 248 27.16 28.69 -7.25
CA GLN A 248 27.63 29.28 -5.96
C GLN A 248 28.67 28.37 -5.28
N GLY A 249 28.59 27.07 -5.50
CA GLY A 249 29.42 26.09 -4.77
C GLY A 249 30.13 25.15 -5.73
N VAL A 250 31.42 24.93 -5.49
CA VAL A 250 32.17 23.93 -6.25
C VAL A 250 33.05 23.06 -5.34
N LEU A 251 32.87 21.76 -5.43
CA LEU A 251 33.71 20.81 -4.73
C LEU A 251 34.57 20.19 -5.83
N MET A 252 35.88 20.26 -5.70
CA MET A 252 36.76 19.60 -6.66
C MET A 252 37.50 18.43 -5.97
N ASN A 253 37.57 17.31 -6.67
CA ASN A 253 38.27 16.12 -6.19
C ASN A 253 39.27 15.75 -7.28
N ILE A 254 40.55 15.84 -6.98
CA ILE A 254 41.53 15.35 -7.91
C ILE A 254 42.06 14.04 -7.36
N THR A 255 41.92 12.98 -8.14
CA THR A 255 42.38 11.65 -7.71
C THR A 255 43.45 11.12 -8.67
N GLY A 256 44.49 10.50 -8.11
CA GLY A 256 45.58 9.91 -8.89
C GLY A 256 46.34 8.83 -8.11
N GLY A 257 47.40 8.32 -8.73
CA GLY A 257 48.23 7.29 -8.12
C GLY A 257 49.38 7.96 -7.38
N THR A 258 50.25 7.15 -6.79
CA THR A 258 51.36 7.63 -5.95
C THR A 258 52.21 8.71 -6.63
N ASN A 259 52.17 8.76 -7.95
CA ASN A 259 52.91 9.81 -8.69
C ASN A 259 52.09 11.05 -9.04
N LEU A 260 50.92 11.20 -8.42
CA LEU A 260 50.20 12.46 -8.56
C LEU A 260 51.16 13.51 -8.01
N SER A 261 51.40 14.57 -8.78
CA SER A 261 52.40 15.56 -8.42
C SER A 261 51.79 16.81 -7.79
N LEU A 262 52.56 17.46 -6.92
CA LEU A 262 52.20 18.74 -6.33
C LEU A 262 51.83 19.75 -7.39
N TYR A 263 52.60 19.80 -8.48
CA TYR A 263 52.37 20.80 -9.52
C TYR A 263 51.02 20.55 -10.25
N GLU A 264 50.68 19.28 -10.43
CA GLU A 264 49.42 18.88 -11.06
C GLU A 264 48.17 19.27 -10.25
N VAL A 265 48.25 19.07 -8.94
CA VAL A 265 47.18 19.47 -8.03
C VAL A 265 46.96 20.96 -8.13
N GLN A 266 48.02 21.75 -8.07
CA GLN A 266 47.90 23.21 -8.20
C GLN A 266 47.38 23.61 -9.60
N GLU A 267 47.82 22.89 -10.64
CA GLU A 267 47.37 23.19 -12.02
C GLU A 267 45.86 22.97 -12.12
N ALA A 268 45.42 21.73 -11.91
CA ALA A 268 43.98 21.39 -11.91
C ALA A 268 43.15 22.34 -11.04
N ALA A 269 43.61 22.61 -9.83
CA ALA A 269 42.86 23.51 -8.92
C ALA A 269 42.69 24.87 -9.54
N ASP A 270 43.71 25.31 -10.27
CA ASP A 270 43.68 26.61 -10.92
C ASP A 270 42.76 26.63 -12.15
N ILE A 271 42.86 25.61 -12.98
CA ILE A 271 41.98 25.49 -14.15
C ILE A 271 40.52 25.57 -13.72
N VAL A 272 40.11 24.67 -12.81
CA VAL A 272 38.76 24.68 -12.25
C VAL A 272 38.39 26.02 -11.60
N ALA A 273 39.26 26.59 -10.75
CA ALA A 273 38.96 27.90 -10.11
C ALA A 273 38.77 29.04 -11.11
N SER A 274 39.55 29.04 -12.18
CA SER A 274 39.52 30.09 -13.19
C SER A 274 38.28 30.02 -14.08
N ALA A 275 37.80 28.80 -14.32
CA ALA A 275 36.54 28.59 -15.03
C ALA A 275 35.33 28.95 -14.16
N SER A 276 35.54 29.16 -12.86
CA SER A 276 34.43 29.37 -11.96
C SER A 276 34.25 30.84 -11.68
N ASP A 277 33.16 31.18 -11.02
CA ASP A 277 32.85 32.56 -10.67
C ASP A 277 33.88 33.12 -9.72
N GLN A 278 34.21 34.39 -9.87
CA GLN A 278 35.16 35.06 -8.97
C GLN A 278 34.69 35.09 -7.49
N ASP A 279 33.40 34.89 -7.20
CA ASP A 279 32.97 34.81 -5.80
C ASP A 279 32.53 33.40 -5.33
N VAL A 280 32.91 32.39 -6.10
CA VAL A 280 32.60 30.99 -5.79
C VAL A 280 33.09 30.57 -4.42
N ASN A 281 32.33 29.69 -3.78
CA ASN A 281 32.79 28.99 -2.58
C ASN A 281 33.34 27.62 -3.03
N MET A 282 34.66 27.53 -3.09
CA MET A 282 35.32 26.36 -3.61
C MET A 282 36.03 25.61 -2.49
N ILE A 283 35.71 24.34 -2.32
CA ILE A 283 36.46 23.51 -1.42
C ILE A 283 37.03 22.39 -2.24
N PHE A 284 38.29 22.05 -1.96
CA PHE A 284 38.82 20.89 -2.61
C PHE A 284 39.90 20.11 -1.96
N GLY A 285 40.01 18.89 -2.47
CA GLY A 285 40.75 17.82 -1.88
C GLY A 285 41.39 16.94 -2.94
N SER A 286 42.13 15.97 -2.44
CA SER A 286 43.11 15.25 -3.20
C SER A 286 43.22 13.88 -2.59
N VAL A 287 43.24 12.86 -3.40
CA VAL A 287 43.32 11.51 -2.85
C VAL A 287 44.18 10.67 -3.77
N ILE A 288 44.99 9.81 -3.13
CA ILE A 288 45.85 8.87 -3.83
C ILE A 288 45.14 7.55 -3.93
N ASN A 289 45.15 6.97 -5.14
CA ASN A 289 44.56 5.65 -5.41
C ASN A 289 45.59 4.82 -6.18
N GLU A 290 46.28 3.93 -5.46
CA GLU A 290 47.34 3.11 -6.04
C GLU A 290 46.91 2.46 -7.37
N ASN A 291 45.69 1.92 -7.41
CA ASN A 291 45.18 1.20 -8.59
C ASN A 291 45.28 2.00 -9.87
N LEU A 292 45.16 3.33 -9.79
CA LEU A 292 45.48 4.20 -10.94
C LEU A 292 47.00 4.22 -11.18
N LYS A 293 47.41 4.22 -12.45
CA LYS A 293 48.83 4.31 -12.78
C LYS A 293 49.17 5.63 -13.44
N ASP A 294 48.93 5.77 -14.72
CA ASP A 294 49.26 7.02 -15.38
C ASP A 294 48.03 7.90 -15.46
N GLU A 295 46.96 7.45 -14.84
CA GLU A 295 45.65 8.05 -15.02
C GLU A 295 45.30 9.00 -13.86
N ILE A 296 44.88 10.24 -14.16
CA ILE A 296 44.20 11.06 -13.13
C ILE A 296 42.70 11.33 -13.41
N VAL A 297 41.91 11.33 -12.33
CA VAL A 297 40.48 11.64 -12.37
C VAL A 297 40.17 12.96 -11.63
N VAL A 298 39.50 13.87 -12.33
CA VAL A 298 39.01 15.09 -11.70
C VAL A 298 37.50 15.02 -11.66
N THR A 299 36.93 15.26 -10.48
CA THR A 299 35.49 15.39 -10.35
C THR A 299 35.15 16.74 -9.76
N VAL A 300 34.20 17.40 -10.39
CA VAL A 300 33.61 18.62 -9.92
C VAL A 300 32.11 18.39 -9.62
N ILE A 301 31.67 18.81 -8.43
CA ILE A 301 30.26 18.85 -8.06
C ILE A 301 29.89 20.32 -7.94
N ALA A 302 28.86 20.75 -8.66
CA ALA A 302 28.46 22.15 -8.70
C ALA A 302 27.08 22.29 -8.11
N THR A 303 26.94 23.23 -7.18
CA THR A 303 25.70 23.47 -6.46
C THR A 303 25.39 24.96 -6.39
N GLY A 304 24.12 25.27 -6.14
CA GLY A 304 23.68 26.63 -5.86
C GLY A 304 23.59 27.50 -7.10
N PHE A 305 23.06 26.94 -8.18
CA PHE A 305 22.97 27.67 -9.42
C PHE A 305 22.01 28.87 -9.40
N LEU A 306 21.02 28.86 -8.52
CA LEU A 306 19.94 29.84 -8.60
C LEU A 306 20.21 31.06 -7.69
N ALA B 2 -33.06 5.51 9.17
CA ALA B 2 -33.88 5.52 7.93
C ALA B 2 -33.02 5.97 6.75
N SER B 3 -31.86 6.57 7.03
CA SER B 3 -30.77 6.71 6.03
C SER B 3 -29.84 5.45 6.10
N ILE B 4 -30.07 4.49 5.21
CA ILE B 4 -29.34 3.19 5.26
C ILE B 4 -28.50 2.97 3.99
N LYS B 5 -27.20 2.71 4.20
CA LYS B 5 -26.26 2.40 3.11
C LYS B 5 -25.80 0.96 3.20
N VAL B 6 -25.74 0.32 2.04
CA VAL B 6 -25.25 -1.04 1.89
C VAL B 6 -24.03 -0.95 0.97
N ILE B 7 -22.85 -1.23 1.51
CA ILE B 7 -21.62 -1.08 0.78
C ILE B 7 -20.96 -2.45 0.54
N GLY B 8 -20.91 -2.86 -0.72
CA GLY B 8 -20.22 -4.07 -1.12
C GLY B 8 -18.78 -3.75 -1.46
N VAL B 9 -17.84 -4.55 -0.93
CA VAL B 9 -16.41 -4.28 -1.00
C VAL B 9 -15.72 -5.47 -1.62
N GLY B 10 -15.01 -5.24 -2.73
CA GLY B 10 -14.38 -6.32 -3.46
C GLY B 10 -15.38 -7.06 -4.32
N GLY B 11 -14.91 -8.06 -5.08
CA GLY B 11 -15.74 -8.76 -6.08
C GLY B 11 -16.97 -9.47 -5.56
N GLY B 12 -16.77 -10.26 -4.51
CA GLY B 12 -17.87 -11.00 -3.88
C GLY B 12 -18.87 -10.05 -3.27
N GLY B 13 -18.38 -9.04 -2.57
CA GLY B 13 -19.21 -7.96 -2.08
C GLY B 13 -20.05 -7.32 -3.17
N ASN B 14 -19.42 -6.98 -4.29
CA ASN B 14 -20.17 -6.28 -5.34
C ASN B 14 -21.17 -7.22 -5.99
N ASN B 15 -20.80 -8.50 -6.18
CA ASN B 15 -21.74 -9.46 -6.75
C ASN B 15 -22.95 -9.67 -5.83
N ALA B 16 -22.74 -9.67 -4.51
CA ALA B 16 -23.87 -9.73 -3.56
C ALA B 16 -24.73 -8.46 -3.60
N VAL B 17 -24.11 -7.30 -3.78
CA VAL B 17 -24.89 -6.07 -3.90
C VAL B 17 -25.73 -6.08 -5.20
N ASN B 18 -25.14 -6.57 -6.28
CA ASN B 18 -25.87 -6.72 -7.54
C ASN B 18 -27.09 -7.63 -7.37
N ARG B 19 -26.95 -8.69 -6.59
CA ARG B 19 -28.02 -9.64 -6.40
C ARG B 19 -29.11 -8.98 -5.57
N MET B 20 -28.74 -8.09 -4.68
CA MET B 20 -29.70 -7.33 -3.91
C MET B 20 -30.48 -6.42 -4.81
N ILE B 21 -29.80 -5.71 -5.71
CA ILE B 21 -30.45 -4.78 -6.63
C ILE B 21 -31.38 -5.54 -7.57
N GLU B 22 -30.91 -6.67 -8.08
CA GLU B 22 -31.69 -7.59 -8.92
C GLU B 22 -32.94 -8.18 -8.24
N ASN B 23 -32.98 -8.21 -6.90
CA ASN B 23 -34.17 -8.67 -6.18
C ASN B 23 -34.92 -7.50 -5.61
N GLU B 24 -34.54 -6.30 -6.05
CA GLU B 24 -35.24 -5.09 -5.70
C GLU B 24 -35.41 -4.94 -4.20
N VAL B 25 -34.32 -5.02 -3.46
CA VAL B 25 -34.38 -4.72 -2.03
C VAL B 25 -34.55 -3.20 -1.88
N GLN B 26 -35.60 -2.78 -1.20
CA GLN B 26 -35.96 -1.35 -1.07
C GLN B 26 -35.36 -0.72 0.17
N GLY B 27 -35.43 0.60 0.22
CA GLY B 27 -35.12 1.37 1.41
C GLY B 27 -33.65 1.64 1.67
N VAL B 28 -32.80 1.23 0.72
CA VAL B 28 -31.35 1.31 0.93
C VAL B 28 -30.64 1.89 -0.27
N GLU B 29 -29.57 2.64 0.00
CA GLU B 29 -28.64 3.13 -1.02
C GLU B 29 -27.40 2.21 -1.14
N TYR B 30 -27.12 1.78 -2.37
CA TYR B 30 -26.02 0.88 -2.70
C TYR B 30 -24.74 1.58 -3.14
N ILE B 31 -23.61 1.15 -2.58
CA ILE B 31 -22.27 1.59 -2.96
C ILE B 31 -21.40 0.37 -3.30
N ALA B 32 -20.83 0.34 -4.51
CA ALA B 32 -19.86 -0.68 -4.89
C ALA B 32 -18.47 -0.11 -4.63
N VAL B 33 -17.60 -0.90 -4.00
CA VAL B 33 -16.21 -0.49 -3.74
C VAL B 33 -15.27 -1.54 -4.32
N ASN B 34 -14.30 -1.09 -5.12
CA ASN B 34 -13.26 -1.99 -5.62
C ASN B 34 -11.93 -1.26 -5.94
N THR B 35 -10.85 -2.01 -5.85
CA THR B 35 -9.57 -1.54 -6.31
C THR B 35 -9.41 -1.83 -7.81
N ASP B 36 -10.23 -2.73 -8.36
CA ASP B 36 -10.15 -3.15 -9.78
C ASP B 36 -11.19 -2.36 -10.56
N ALA B 37 -10.75 -1.53 -11.49
CA ALA B 37 -11.60 -0.60 -12.22
C ALA B 37 -12.57 -1.29 -13.19
N GLN B 38 -12.09 -2.32 -13.89
CA GLN B 38 -12.95 -3.11 -14.79
C GLN B 38 -14.11 -3.82 -14.06
N ALA B 39 -13.82 -4.45 -12.92
CA ALA B 39 -14.84 -5.14 -12.13
C ALA B 39 -15.91 -4.17 -11.64
N LEU B 40 -15.48 -2.99 -11.21
CA LEU B 40 -16.40 -1.98 -10.73
C LEU B 40 -17.43 -1.53 -11.80
N ASN B 41 -17.06 -1.56 -13.07
CA ASN B 41 -18.02 -1.26 -14.17
C ASN B 41 -19.11 -2.29 -14.37
N LEU B 42 -18.92 -3.50 -13.85
CA LEU B 42 -19.99 -4.48 -13.83
C LEU B 42 -21.00 -4.25 -12.70
N SER B 43 -20.73 -3.31 -11.80
CA SER B 43 -21.63 -3.09 -10.67
C SER B 43 -22.89 -2.38 -11.11
N LYS B 44 -24.03 -2.80 -10.57
CA LYS B 44 -25.28 -2.10 -10.81
C LYS B 44 -25.52 -1.01 -9.78
N ALA B 45 -24.64 -0.89 -8.79
CA ALA B 45 -24.78 0.17 -7.82
C ALA B 45 -24.72 1.50 -8.52
N GLU B 46 -25.41 2.47 -7.95
CA GLU B 46 -25.42 3.80 -8.47
C GLU B 46 -24.14 4.56 -8.07
N VAL B 47 -23.69 4.41 -6.83
CA VAL B 47 -22.41 4.99 -6.44
C VAL B 47 -21.30 3.93 -6.63
N LYS B 48 -20.34 4.22 -7.50
CA LYS B 48 -19.20 3.35 -7.74
C LYS B 48 -17.99 4.05 -7.20
N MET B 49 -17.23 3.36 -6.36
CA MET B 49 -16.10 3.93 -5.69
C MET B 49 -14.85 3.10 -5.92
N GLN B 50 -13.95 3.65 -6.74
CA GLN B 50 -12.64 3.08 -6.95
C GLN B 50 -11.76 3.55 -5.83
N ILE B 51 -11.19 2.62 -5.07
CA ILE B 51 -10.29 2.99 -3.99
C ILE B 51 -8.85 2.63 -4.35
N GLY B 52 -7.91 3.35 -3.74
CA GLY B 52 -6.49 3.14 -3.97
C GLY B 52 -6.06 3.31 -5.41
N ALA B 53 -6.59 4.34 -6.06
CA ALA B 53 -6.27 4.70 -7.45
C ALA B 53 -4.79 4.86 -7.65
N LYS B 54 -4.15 5.57 -6.74
CA LYS B 54 -2.69 5.66 -6.80
C LYS B 54 -1.98 4.33 -6.49
N LEU B 55 -2.40 3.63 -5.44
CA LEU B 55 -1.68 2.43 -4.99
C LEU B 55 -1.79 1.35 -6.03
N THR B 56 -2.96 1.26 -6.65
CA THR B 56 -3.27 0.11 -7.52
C THR B 56 -3.41 0.43 -9.01
N ARG B 57 -3.51 1.71 -9.39
CA ARG B 57 -3.80 2.10 -10.78
C ARG B 57 -5.07 1.46 -11.33
N GLY B 58 -5.99 1.12 -10.44
CA GLY B 58 -7.24 0.46 -10.86
C GLY B 58 -7.05 -0.98 -11.27
N LEU B 59 -5.88 -1.57 -11.02
CA LEU B 59 -5.59 -2.92 -11.50
C LEU B 59 -5.86 -3.98 -10.43
N GLY B 60 -6.47 -3.58 -9.32
CA GLY B 60 -6.92 -4.56 -8.32
C GLY B 60 -5.92 -4.76 -7.21
N ALA B 61 -6.08 -5.84 -6.44
CA ALA B 61 -5.31 -5.99 -5.19
C ALA B 61 -4.49 -7.25 -5.10
N GLY B 62 -4.47 -8.04 -6.19
CA GLY B 62 -3.66 -9.29 -6.26
C GLY B 62 -3.91 -10.22 -5.09
N ALA B 63 -5.13 -10.22 -4.57
CA ALA B 63 -5.53 -11.10 -3.46
C ALA B 63 -4.67 -10.84 -2.20
N ASN B 64 -4.18 -9.60 -2.08
CA ASN B 64 -3.34 -9.17 -0.92
C ASN B 64 -4.12 -8.23 0.02
N PRO B 65 -4.51 -8.72 1.19
CA PRO B 65 -5.22 -7.88 2.15
C PRO B 65 -4.53 -6.55 2.43
N GLU B 66 -3.21 -6.56 2.54
CA GLU B 66 -2.49 -5.31 2.75
C GLU B 66 -2.76 -4.24 1.67
N VAL B 67 -2.82 -4.64 0.40
CA VAL B 67 -3.12 -3.68 -0.65
C VAL B 67 -4.55 -3.22 -0.45
N GLY B 68 -5.46 -4.14 -0.10
CA GLY B 68 -6.83 -3.74 0.24
C GLY B 68 -6.92 -2.68 1.34
N LYS B 69 -6.19 -2.89 2.41
CA LYS B 69 -6.14 -1.98 3.54
C LYS B 69 -5.58 -0.61 3.18
N LYS B 70 -4.48 -0.58 2.45
CA LYS B 70 -3.84 0.70 2.12
C LYS B 70 -4.57 1.42 0.99
N ALA B 71 -5.25 0.68 0.13
CA ALA B 71 -6.15 1.29 -0.86
C ALA B 71 -7.24 2.08 -0.12
N ALA B 72 -7.90 1.46 0.86
CA ALA B 72 -9.00 2.10 1.55
C ALA B 72 -8.49 3.30 2.36
N GLU B 73 -7.28 3.20 2.92
CA GLU B 73 -6.67 4.33 3.64
C GLU B 73 -6.38 5.50 2.68
N GLU B 74 -5.77 5.23 1.54
CA GLU B 74 -5.56 6.26 0.54
C GLU B 74 -6.84 7.07 0.34
N SER B 75 -7.96 6.35 0.21
CA SER B 75 -9.28 6.90 -0.10
C SER B 75 -10.15 7.16 1.14
N LYS B 76 -9.54 7.32 2.31
CA LYS B 76 -10.25 7.63 3.55
C LYS B 76 -11.24 8.78 3.41
N GLU B 77 -10.88 9.82 2.68
CA GLU B 77 -11.75 11.00 2.54
C GLU B 77 -12.94 10.73 1.62
N GLN B 78 -12.74 9.99 0.53
CA GLN B 78 -13.85 9.60 -0.35
C GLN B 78 -14.89 8.75 0.37
N ILE B 79 -14.40 7.88 1.25
CA ILE B 79 -15.29 6.97 1.97
C ILE B 79 -16.10 7.82 2.92
N GLU B 80 -15.47 8.74 3.63
CA GLU B 80 -16.20 9.65 4.54
C GLU B 80 -17.30 10.37 3.76
N GLU B 81 -16.98 10.95 2.60
CA GLU B 81 -18.00 11.67 1.84
C GLU B 81 -19.18 10.78 1.46
N ALA B 82 -18.93 9.57 0.96
CA ALA B 82 -20.00 8.68 0.51
C ALA B 82 -20.94 8.22 1.64
N LEU B 83 -20.44 8.26 2.87
CA LEU B 83 -21.17 7.76 4.03
C LEU B 83 -21.72 8.91 4.88
N LYS B 84 -21.76 10.11 4.33
CA LYS B 84 -22.24 11.27 5.08
C LYS B 84 -23.75 11.16 5.36
N GLY B 85 -24.11 11.39 6.62
CA GLY B 85 -25.51 11.43 7.05
C GLY B 85 -26.17 10.06 7.18
N ALA B 86 -25.39 9.00 7.08
CA ALA B 86 -25.93 7.65 7.13
C ALA B 86 -26.23 7.31 8.58
N ASP B 87 -27.42 6.76 8.84
CA ASP B 87 -27.76 6.28 10.18
C ASP B 87 -27.24 4.87 10.35
N MET B 88 -27.46 4.06 9.31
CA MET B 88 -27.06 2.66 9.33
C MET B 88 -26.25 2.34 8.10
N VAL B 89 -25.16 1.59 8.30
CA VAL B 89 -24.33 1.13 7.21
C VAL B 89 -24.05 -0.37 7.31
N PHE B 90 -24.40 -1.11 6.27
CA PHE B 90 -24.02 -2.52 6.16
C PHE B 90 -22.78 -2.64 5.29
N VAL B 91 -21.76 -3.33 5.77
CA VAL B 91 -20.59 -3.60 4.93
C VAL B 91 -20.58 -5.09 4.62
N THR B 92 -20.64 -5.45 3.36
CA THR B 92 -20.63 -6.87 2.98
C THR B 92 -19.46 -7.19 2.07
N ALA B 93 -18.91 -8.38 2.24
CA ALA B 93 -17.75 -8.76 1.45
C ALA B 93 -17.53 -10.22 1.61
N GLY B 94 -16.89 -10.82 0.63
CA GLY B 94 -16.40 -12.17 0.79
C GLY B 94 -15.03 -12.04 1.35
N MET B 95 -14.83 -12.54 2.57
CA MET B 95 -13.48 -12.51 3.17
C MET B 95 -12.60 -13.60 2.58
N GLY B 96 -11.32 -13.29 2.44
CA GLY B 96 -10.31 -14.24 2.00
C GLY B 96 -9.43 -13.71 0.89
N GLY B 97 -9.95 -12.73 0.15
CA GLY B 97 -9.23 -12.07 -0.94
C GLY B 97 -8.42 -10.86 -0.47
N GLY B 98 -8.19 -9.93 -1.39
CA GLY B 98 -7.42 -8.72 -1.10
C GLY B 98 -8.27 -7.52 -0.71
N THR B 99 -9.16 -7.09 -1.59
CA THR B 99 -9.94 -5.85 -1.36
C THR B 99 -10.96 -5.99 -0.24
N GLY B 100 -11.70 -7.08 -0.25
CA GLY B 100 -12.68 -7.34 0.81
C GLY B 100 -12.02 -7.45 2.17
N THR B 101 -11.04 -8.34 2.29
CA THR B 101 -10.39 -8.62 3.55
C THR B 101 -9.77 -7.36 4.13
N GLY B 102 -9.07 -6.62 3.28
CA GLY B 102 -8.27 -5.49 3.72
C GLY B 102 -9.06 -4.21 3.88
N ALA B 103 -9.90 -3.89 2.89
CA ALA B 103 -10.64 -2.61 2.85
C ALA B 103 -11.90 -2.61 3.72
N ALA B 104 -12.56 -3.77 3.85
CA ALA B 104 -13.86 -3.80 4.52
C ALA B 104 -13.74 -3.33 5.97
N PRO B 105 -12.70 -3.74 6.69
CA PRO B 105 -12.56 -3.24 8.06
C PRO B 105 -12.23 -1.73 8.18
N VAL B 106 -11.53 -1.18 7.20
CA VAL B 106 -11.23 0.26 7.21
C VAL B 106 -12.52 1.05 7.01
N ILE B 107 -13.31 0.60 6.03
CA ILE B 107 -14.58 1.25 5.71
C ILE B 107 -15.52 1.14 6.90
N ALA B 108 -15.59 -0.04 7.52
CA ALA B 108 -16.44 -0.24 8.68
C ALA B 108 -16.04 0.72 9.79
N GLN B 109 -14.74 0.80 10.07
CA GLN B 109 -14.24 1.71 11.10
C GLN B 109 -14.65 3.17 10.82
N ILE B 110 -14.59 3.60 9.56
CA ILE B 110 -15.01 4.96 9.26
C ILE B 110 -16.54 5.15 9.51
N ALA B 111 -17.38 4.27 8.93
CA ALA B 111 -18.83 4.26 9.24
C ALA B 111 -19.13 4.46 10.72
N LYS B 112 -18.42 3.71 11.56
CA LYS B 112 -18.65 3.70 13.00
C LYS B 112 -18.09 4.96 13.65
N ASP B 113 -16.99 5.50 13.13
CA ASP B 113 -16.45 6.77 13.62
C ASP B 113 -17.42 7.93 13.33
N LEU B 114 -18.16 7.83 12.23
CA LEU B 114 -19.16 8.84 11.86
C LEU B 114 -20.46 8.78 12.68
N GLY B 115 -20.54 7.85 13.64
CA GLY B 115 -21.77 7.67 14.44
C GLY B 115 -22.79 6.65 13.94
N ALA B 116 -22.64 6.16 12.70
CA ALA B 116 -23.65 5.21 12.15
C ALA B 116 -23.64 3.84 12.84
N LEU B 117 -24.80 3.15 12.80
CA LEU B 117 -24.91 1.75 13.19
C LEU B 117 -24.30 0.87 12.09
N THR B 118 -23.20 0.21 12.41
CA THR B 118 -22.35 -0.43 11.40
C THR B 118 -22.41 -1.94 11.61
N VAL B 119 -22.95 -2.64 10.60
CA VAL B 119 -23.17 -4.09 10.62
C VAL B 119 -22.36 -4.73 9.53
N GLY B 120 -21.44 -5.63 9.87
CA GLY B 120 -20.72 -6.43 8.87
C GLY B 120 -21.53 -7.68 8.55
N VAL B 121 -21.62 -8.02 7.26
CA VAL B 121 -22.18 -9.27 6.82
C VAL B 121 -21.22 -9.90 5.80
N VAL B 122 -20.46 -10.91 6.21
CA VAL B 122 -19.35 -11.45 5.40
C VAL B 122 -19.33 -12.95 5.39
N THR B 123 -18.63 -13.52 4.40
CA THR B 123 -18.43 -14.96 4.32
C THR B 123 -16.97 -15.33 4.61
N ARG B 124 -16.78 -16.51 5.22
CA ARG B 124 -15.50 -17.25 5.16
C ARG B 124 -15.51 -18.07 3.85
N PRO B 125 -14.33 -18.29 3.25
CA PRO B 125 -14.29 -19.08 2.01
C PRO B 125 -14.45 -20.60 2.20
N PHE B 126 -14.86 -21.30 1.13
CA PHE B 126 -14.94 -22.77 1.17
C PHE B 126 -13.59 -23.30 1.54
N THR B 127 -13.54 -24.31 2.38
CA THR B 127 -12.27 -24.97 2.66
C THR B 127 -11.48 -25.32 1.39
N PHE B 128 -12.17 -25.70 0.33
CA PHE B 128 -11.45 -26.08 -0.87
C PHE B 128 -10.75 -24.91 -1.57
N GLU B 129 -11.05 -23.69 -1.14
CA GLU B 129 -10.37 -22.54 -1.69
C GLU B 129 -8.91 -22.47 -1.28
N GLY B 130 -8.53 -23.24 -0.25
CA GLY B 130 -7.14 -23.32 0.16
C GLY B 130 -6.84 -22.61 1.47
N ARG B 131 -5.70 -22.96 2.04
CA ARG B 131 -5.26 -22.48 3.35
C ARG B 131 -4.95 -20.97 3.36
N LYS B 132 -4.38 -20.45 2.27
CA LYS B 132 -4.06 -19.05 2.20
C LYS B 132 -5.33 -18.19 2.29
N ARG B 133 -6.38 -18.54 1.53
CA ARG B 133 -7.60 -17.77 1.63
C ARG B 133 -8.25 -17.91 2.99
N GLN B 134 -8.21 -19.09 3.62
CA GLN B 134 -8.76 -19.22 4.99
C GLN B 134 -8.04 -18.35 6.00
N LEU B 135 -6.70 -18.26 5.94
CA LEU B 135 -5.94 -17.42 6.89
C LEU B 135 -6.18 -15.95 6.64
N GLN B 136 -6.06 -15.53 5.41
CA GLN B 136 -6.42 -14.17 5.06
C GLN B 136 -7.82 -13.82 5.58
N ALA B 137 -8.79 -14.69 5.34
CA ALA B 137 -10.15 -14.51 5.84
C ALA B 137 -10.21 -14.41 7.37
N ALA B 138 -9.37 -15.19 8.05
CA ALA B 138 -9.34 -15.18 9.52
C ALA B 138 -8.86 -13.84 10.05
N GLY B 139 -7.80 -13.33 9.43
CA GLY B 139 -7.20 -12.02 9.79
C GLY B 139 -8.17 -10.89 9.57
N GLY B 140 -8.91 -10.95 8.45
CA GLY B 140 -9.81 -9.89 8.09
C GLY B 140 -11.02 -9.90 8.97
N ILE B 141 -11.53 -11.10 9.32
CA ILE B 141 -12.71 -11.18 10.20
C ILE B 141 -12.36 -10.64 11.58
N SER B 142 -11.14 -10.90 12.00
CA SER B 142 -10.69 -10.38 13.26
C SER B 142 -10.57 -8.84 13.25
N ALA B 143 -10.11 -8.26 12.14
CA ALA B 143 -10.12 -6.80 12.02
C ALA B 143 -11.56 -6.24 11.96
N MET B 144 -12.48 -6.90 11.23
CA MET B 144 -13.88 -6.43 11.11
C MET B 144 -14.57 -6.36 12.45
N LYS B 145 -14.45 -7.45 13.22
CA LYS B 145 -15.02 -7.51 14.56
C LYS B 145 -14.72 -6.21 15.32
N GLU B 146 -13.47 -5.76 15.30
CA GLU B 146 -13.09 -4.49 15.94
C GLU B 146 -13.73 -3.27 15.31
N ALA B 147 -14.04 -3.29 14.01
CA ALA B 147 -14.54 -2.09 13.29
C ALA B 147 -16.08 -1.98 13.11
N VAL B 148 -16.84 -2.90 13.68
CA VAL B 148 -18.30 -2.87 13.53
C VAL B 148 -19.01 -2.89 14.87
N ASP B 149 -20.31 -2.62 14.84
CA ASP B 149 -21.18 -2.82 15.99
C ASP B 149 -21.58 -4.29 16.11
N THR B 150 -22.04 -4.89 15.02
CA THR B 150 -22.41 -6.30 14.95
C THR B 150 -21.74 -6.96 13.73
N LEU B 151 -21.10 -8.09 13.94
CA LEU B 151 -20.52 -8.82 12.81
C LEU B 151 -21.27 -10.13 12.60
N ILE B 152 -21.83 -10.31 11.41
CA ILE B 152 -22.43 -11.59 11.02
C ILE B 152 -21.47 -12.30 10.05
N VAL B 153 -21.00 -13.47 10.45
CA VAL B 153 -20.09 -14.28 9.64
C VAL B 153 -20.82 -15.53 9.18
N ILE B 154 -20.76 -15.80 7.89
CA ILE B 154 -21.32 -17.02 7.33
C ILE B 154 -20.26 -17.84 6.64
N PRO B 155 -19.91 -19.01 7.18
CA PRO B 155 -18.97 -19.87 6.46
C PRO B 155 -19.60 -20.46 5.23
N ASN B 156 -18.97 -20.27 4.07
CA ASN B 156 -19.45 -20.91 2.83
C ASN B 156 -19.56 -22.43 2.96
N ASP B 157 -18.69 -23.05 3.75
CA ASP B 157 -18.82 -24.48 4.03
C ASP B 157 -20.22 -24.85 4.60
N ARG B 158 -20.86 -23.95 5.36
CA ARG B 158 -22.19 -24.29 5.89
C ARG B 158 -23.25 -24.09 4.81
N ILE B 159 -23.01 -23.18 3.87
CA ILE B 159 -23.92 -22.96 2.73
C ILE B 159 -24.00 -24.23 1.91
N LEU B 160 -22.89 -24.95 1.84
CA LEU B 160 -22.89 -26.31 1.30
C LEU B 160 -23.99 -27.21 1.86
N GLU B 161 -24.15 -27.21 3.18
CA GLU B 161 -25.16 -28.04 3.86
C GLU B 161 -26.60 -27.58 3.68
N ILE B 162 -26.84 -26.58 2.85
CA ILE B 162 -28.14 -25.92 2.72
C ILE B 162 -28.65 -25.85 1.29
N VAL B 163 -27.80 -26.16 0.31
CA VAL B 163 -28.21 -26.08 -1.10
C VAL B 163 -28.51 -27.47 -1.64
N ASP B 164 -29.26 -27.50 -2.74
CA ASP B 164 -29.49 -28.76 -3.46
C ASP B 164 -28.11 -29.33 -3.80
N LYS B 165 -27.89 -30.57 -3.37
CA LYS B 165 -26.70 -31.40 -3.68
C LYS B 165 -26.28 -31.41 -5.16
N ASN B 166 -27.19 -31.09 -6.07
CA ASN B 166 -26.87 -30.95 -7.48
C ASN B 166 -26.72 -29.49 -7.95
N THR B 167 -26.45 -28.58 -7.02
CA THR B 167 -26.07 -27.21 -7.40
C THR B 167 -24.80 -27.30 -8.24
N PRO B 168 -24.80 -26.69 -9.44
CA PRO B 168 -23.55 -26.61 -10.19
C PRO B 168 -22.45 -25.76 -9.50
N MET B 169 -21.19 -26.13 -9.80
CA MET B 169 -20.03 -25.40 -9.34
C MET B 169 -20.02 -24.02 -9.95
N LEU B 170 -20.54 -23.88 -11.16
CA LEU B 170 -20.79 -22.56 -11.78
C LEU B 170 -21.61 -21.63 -10.89
N GLU B 171 -22.37 -22.20 -9.95
CA GLU B 171 -23.27 -21.45 -9.07
C GLU B 171 -22.84 -21.48 -7.60
N ALA B 172 -21.59 -21.82 -7.33
CA ALA B 172 -21.10 -21.96 -5.95
C ALA B 172 -21.35 -20.71 -5.14
N PHE B 173 -21.04 -19.57 -5.69
CA PHE B 173 -21.14 -18.36 -4.90
C PHE B 173 -22.46 -17.66 -5.08
N ARG B 174 -23.38 -18.24 -5.86
CA ARG B 174 -24.66 -17.57 -6.05
C ARG B 174 -25.54 -17.69 -4.82
N GLU B 175 -25.50 -18.84 -4.14
CA GLU B 175 -26.16 -18.92 -2.83
C GLU B 175 -25.45 -18.06 -1.79
N ALA B 176 -24.12 -17.96 -1.86
CA ALA B 176 -23.38 -16.97 -1.05
C ALA B 176 -23.95 -15.58 -1.25
N ASP B 177 -24.18 -15.17 -2.51
CA ASP B 177 -24.82 -13.88 -2.80
C ASP B 177 -26.16 -13.77 -2.07
N ASN B 178 -26.91 -14.85 -2.08
CA ASN B 178 -28.26 -14.86 -1.52
C ASN B 178 -28.23 -14.77 0.01
N VAL B 179 -27.31 -15.51 0.63
CA VAL B 179 -27.20 -15.51 2.08
C VAL B 179 -26.81 -14.10 2.58
N LEU B 180 -25.86 -13.45 1.90
CA LEU B 180 -25.46 -12.08 2.27
C LEU B 180 -26.63 -11.13 2.20
N ARG B 181 -27.37 -11.23 1.09
CA ARG B 181 -28.65 -10.54 0.90
C ARG B 181 -29.60 -10.73 2.07
N GLN B 182 -29.82 -11.99 2.45
CA GLN B 182 -30.74 -12.33 3.53
C GLN B 182 -30.25 -11.67 4.83
N GLY B 183 -28.94 -11.71 5.07
CA GLY B 183 -28.33 -11.03 6.21
C GLY B 183 -28.63 -9.55 6.30
N VAL B 184 -28.52 -8.86 5.17
CA VAL B 184 -28.78 -7.42 5.12
C VAL B 184 -30.27 -7.15 5.18
N GLN B 185 -30.98 -7.76 4.24
CA GLN B 185 -32.42 -7.52 4.07
C GLN B 185 -33.25 -7.93 5.31
N GLY B 186 -32.84 -8.99 6.00
CA GLY B 186 -33.56 -9.44 7.20
C GLY B 186 -33.70 -8.34 8.25
N ILE B 187 -32.63 -7.58 8.42
CA ILE B 187 -32.61 -6.43 9.27
C ILE B 187 -33.27 -5.22 8.56
N SER B 188 -32.79 -4.86 7.36
CA SER B 188 -33.22 -3.61 6.72
C SER B 188 -34.71 -3.53 6.38
N ASP B 189 -35.29 -4.66 5.95
CA ASP B 189 -36.73 -4.66 5.61
C ASP B 189 -37.65 -4.27 6.76
N LEU B 190 -37.27 -4.60 7.99
CA LEU B 190 -38.10 -4.30 9.17
C LEU B 190 -38.07 -2.82 9.49
N ILE B 191 -37.00 -2.14 9.09
CA ILE B 191 -36.89 -0.71 9.28
C ILE B 191 -37.40 0.07 8.07
N ALA B 192 -37.15 -0.43 6.86
CA ALA B 192 -37.29 0.41 5.66
C ALA B 192 -38.57 0.15 4.86
N THR B 193 -39.01 -1.09 4.81
CA THR B 193 -40.16 -1.46 3.99
C THR B 193 -41.41 -1.62 4.85
N PRO B 194 -42.47 -0.84 4.55
CA PRO B 194 -43.78 -1.08 5.21
C PRO B 194 -44.28 -2.53 5.08
N GLY B 195 -44.75 -3.09 6.20
CA GLY B 195 -45.43 -4.39 6.19
C GLY B 195 -46.32 -4.55 7.41
N LEU B 196 -46.74 -5.79 7.70
CA LEU B 196 -47.59 -6.11 8.87
C LEU B 196 -47.07 -5.48 10.15
N ILE B 197 -45.81 -5.79 10.47
CA ILE B 197 -45.13 -5.23 11.65
C ILE B 197 -43.75 -4.71 11.26
N ASN B 198 -43.53 -3.44 11.56
CA ASN B 198 -42.26 -2.83 11.44
C ASN B 198 -41.69 -2.65 12.84
N LEU B 199 -40.41 -2.36 12.91
CA LEU B 199 -39.72 -2.08 14.16
C LEU B 199 -39.21 -0.69 14.00
N ASP B 200 -39.06 0.06 15.07
CA ASP B 200 -38.42 1.35 14.88
C ASP B 200 -36.89 1.25 15.09
N PHE B 201 -36.18 2.13 14.39
CA PHE B 201 -34.71 2.06 14.30
C PHE B 201 -34.07 1.99 15.68
N ALA B 202 -34.65 2.70 16.64
CA ALA B 202 -34.13 2.71 18.00
C ALA B 202 -33.95 1.30 18.56
N ASP B 203 -34.93 0.42 18.33
CA ASP B 203 -34.92 -0.93 18.94
C ASP B 203 -33.94 -1.88 18.23
N VAL B 204 -33.75 -1.72 16.92
CA VAL B 204 -32.74 -2.50 16.21
C VAL B 204 -31.37 -2.03 16.72
N LYS B 205 -31.25 -0.73 16.97
CA LYS B 205 -29.98 -0.20 17.47
C LYS B 205 -29.63 -0.83 18.80
N THR B 206 -30.59 -0.89 19.71
CA THR B 206 -30.25 -1.36 21.03
C THR B 206 -29.79 -2.84 20.97
N ILE B 207 -30.35 -3.69 20.11
CA ILE B 207 -29.84 -5.07 20.00
C ILE B 207 -28.58 -5.22 19.10
N MET B 208 -28.42 -4.36 18.07
CA MET B 208 -27.22 -4.42 17.20
C MET B 208 -25.96 -3.73 17.77
N SER B 209 -26.05 -3.03 18.90
CA SER B 209 -24.84 -2.51 19.56
C SER B 209 -24.36 -3.40 20.70
N ASN B 210 -24.69 -4.70 20.67
CA ASN B 210 -24.20 -5.68 21.63
C ASN B 210 -22.75 -6.15 21.36
N LYS B 211 -22.15 -6.66 22.46
CA LYS B 211 -20.76 -7.10 22.56
C LYS B 211 -20.66 -8.62 22.36
N GLY B 212 -19.68 -9.04 21.55
CA GLY B 212 -19.59 -10.40 21.02
C GLY B 212 -19.88 -10.41 19.53
N SER B 213 -20.19 -11.59 19.02
CA SER B 213 -20.55 -11.75 17.63
C SER B 213 -22.03 -12.07 17.55
N ALA B 214 -22.57 -11.90 16.35
CA ALA B 214 -23.93 -12.26 16.06
C ALA B 214 -23.94 -13.60 15.35
N LEU B 215 -25.10 -14.25 15.41
CA LEU B 215 -25.36 -15.48 14.69
C LEU B 215 -26.53 -15.22 13.80
N MET B 216 -26.62 -16.01 12.74
CA MET B 216 -27.73 -15.93 11.83
C MET B 216 -28.26 -17.31 11.44
N GLY B 217 -29.58 -17.45 11.48
CA GLY B 217 -30.29 -18.59 10.96
C GLY B 217 -31.39 -18.21 9.97
N ILE B 218 -31.55 -19.02 8.92
CA ILE B 218 -32.60 -18.84 7.92
C ILE B 218 -33.43 -20.11 7.83
N GLY B 219 -34.75 -19.98 7.74
CA GLY B 219 -35.64 -21.10 7.51
C GLY B 219 -36.72 -20.77 6.49
N ILE B 220 -36.99 -21.74 5.61
CA ILE B 220 -37.95 -21.61 4.51
C ILE B 220 -38.87 -22.82 4.44
N ALA B 221 -40.17 -22.58 4.23
CA ALA B 221 -41.17 -23.68 4.17
C ALA B 221 -42.45 -23.31 3.43
N THR B 222 -43.19 -24.35 3.02
CA THR B 222 -44.52 -24.21 2.40
C THR B 222 -45.51 -25.20 3.02
N GLY B 223 -46.80 -25.03 2.74
CA GLY B 223 -47.82 -25.94 3.26
C GLY B 223 -48.43 -25.46 4.57
N GLU B 224 -49.14 -26.35 5.24
CA GLU B 224 -50.04 -25.96 6.33
C GLU B 224 -49.32 -25.22 7.45
N ASN B 225 -48.29 -25.85 8.01
CA ASN B 225 -47.68 -25.30 9.23
C ASN B 225 -46.37 -24.56 8.89
N ARG B 226 -46.41 -23.82 7.78
CA ARG B 226 -45.23 -23.18 7.20
C ARG B 226 -44.58 -22.10 8.10
N ALA B 227 -45.39 -21.35 8.86
CA ALA B 227 -44.90 -20.38 9.83
C ALA B 227 -43.98 -21.09 10.82
N ALA B 228 -44.53 -22.09 11.49
CA ALA B 228 -43.82 -22.82 12.55
C ALA B 228 -42.62 -23.58 12.01
N GLU B 229 -42.81 -24.23 10.88
CA GLU B 229 -41.79 -25.06 10.25
C GLU B 229 -40.60 -24.19 9.78
N ALA B 230 -40.88 -23.08 9.11
CA ALA B 230 -39.82 -22.12 8.74
C ALA B 230 -39.03 -21.70 10.01
N ALA B 231 -39.74 -21.36 11.07
CA ALA B 231 -39.10 -20.95 12.32
C ALA B 231 -38.20 -22.05 12.88
N LYS B 232 -38.69 -23.29 12.88
CA LYS B 232 -37.89 -24.44 13.39
C LYS B 232 -36.62 -24.68 12.62
N LYS B 233 -36.72 -24.48 11.31
CA LYS B 233 -35.55 -24.57 10.45
C LYS B 233 -34.56 -23.41 10.75
N ALA B 234 -35.09 -22.22 11.00
CA ALA B 234 -34.24 -21.06 11.24
C ALA B 234 -33.43 -21.26 12.50
N ILE B 235 -34.08 -21.74 13.55
CA ILE B 235 -33.38 -21.94 14.83
C ILE B 235 -32.50 -23.17 14.82
N SER B 236 -32.62 -24.03 13.83
CA SER B 236 -31.73 -25.18 13.72
C SER B 236 -30.86 -25.13 12.47
N SER B 237 -30.78 -23.95 11.84
CA SER B 237 -30.07 -23.79 10.55
C SER B 237 -28.58 -24.10 10.69
N PRO B 238 -28.01 -24.82 9.71
CA PRO B 238 -26.56 -24.97 9.62
C PRO B 238 -25.73 -23.67 9.65
N LEU B 239 -26.32 -22.52 9.27
CA LEU B 239 -25.57 -21.24 9.30
C LEU B 239 -25.23 -20.80 10.72
N LEU B 240 -26.03 -21.27 11.68
CA LEU B 240 -25.87 -20.95 13.09
C LEU B 240 -24.59 -21.59 13.58
N GLU B 241 -23.69 -20.80 14.14
CA GLU B 241 -22.49 -21.42 14.69
C GLU B 241 -22.64 -21.80 16.16
N ALA B 242 -23.77 -21.46 16.76
CA ALA B 242 -24.11 -21.87 18.14
C ALA B 242 -25.62 -21.71 18.31
N ALA B 243 -26.16 -22.39 19.31
CA ALA B 243 -27.60 -22.27 19.65
C ALA B 243 -27.99 -20.83 19.96
N ILE B 244 -29.17 -20.43 19.51
CA ILE B 244 -29.66 -19.07 19.70
C ILE B 244 -29.82 -18.69 21.21
N ASP B 245 -29.84 -19.67 22.13
CA ASP B 245 -30.00 -19.38 23.57
C ASP B 245 -28.82 -18.70 24.27
N GLY B 246 -27.68 -18.57 23.62
CA GLY B 246 -26.60 -17.79 24.20
C GLY B 246 -26.62 -16.32 23.81
N ALA B 247 -27.63 -15.91 23.04
CA ALA B 247 -27.73 -14.52 22.61
C ALA B 247 -28.31 -13.67 23.71
N GLN B 248 -27.84 -12.43 23.80
CA GLN B 248 -28.51 -11.42 24.62
C GLN B 248 -29.68 -10.80 23.86
N GLY B 249 -29.59 -10.73 22.53
CA GLY B 249 -30.68 -10.19 21.71
C GLY B 249 -31.01 -11.10 20.52
N VAL B 250 -32.26 -11.02 20.09
CA VAL B 250 -32.75 -11.80 19.00
C VAL B 250 -33.66 -10.92 18.14
N LEU B 251 -33.42 -10.92 16.84
CA LEU B 251 -34.29 -10.26 15.89
C LEU B 251 -34.85 -11.32 14.98
N MET B 252 -36.18 -11.34 14.84
CA MET B 252 -36.82 -12.27 13.94
C MET B 252 -37.55 -11.50 12.84
N ASN B 253 -37.16 -11.76 11.60
CA ASN B 253 -37.91 -11.35 10.43
C ASN B 253 -38.72 -12.56 9.90
N ILE B 254 -40.03 -12.43 9.82
CA ILE B 254 -40.87 -13.38 9.08
C ILE B 254 -41.48 -12.68 7.85
N THR B 255 -41.22 -13.25 6.68
CA THR B 255 -41.65 -12.64 5.43
C THR B 255 -42.39 -13.64 4.57
N GLY B 256 -43.58 -13.26 4.08
CA GLY B 256 -44.31 -14.07 3.10
C GLY B 256 -44.96 -13.19 2.04
N GLY B 257 -45.96 -13.74 1.35
CA GLY B 257 -46.82 -12.96 0.43
C GLY B 257 -48.02 -12.40 1.17
N THR B 258 -48.99 -11.85 0.43
CA THR B 258 -50.14 -11.16 1.05
C THR B 258 -51.02 -12.08 1.92
N ASN B 259 -50.97 -13.40 1.68
CA ASN B 259 -51.67 -14.37 2.55
C ASN B 259 -51.06 -14.60 3.96
N LEU B 260 -50.46 -13.58 4.61
CA LEU B 260 -49.74 -13.80 5.90
C LEU B 260 -50.33 -12.94 7.01
N SER B 261 -50.88 -13.59 8.03
CA SER B 261 -51.60 -12.91 9.09
C SER B 261 -50.76 -12.75 10.33
N LEU B 262 -51.16 -11.81 11.18
CA LEU B 262 -50.61 -11.71 12.52
C LEU B 262 -50.62 -13.10 13.21
N TYR B 263 -51.61 -13.93 12.90
CA TYR B 263 -51.77 -15.23 13.53
C TYR B 263 -50.62 -16.15 13.15
N GLU B 264 -50.18 -16.10 11.90
CA GLU B 264 -49.02 -16.93 11.49
C GLU B 264 -47.71 -16.41 12.03
N VAL B 265 -47.57 -15.08 12.08
CA VAL B 265 -46.40 -14.45 12.63
C VAL B 265 -46.17 -14.98 14.04
N GLN B 266 -47.21 -14.91 14.87
CA GLN B 266 -47.15 -15.35 16.27
C GLN B 266 -46.72 -16.81 16.43
N GLU B 267 -47.20 -17.67 15.54
CA GLU B 267 -46.80 -19.08 15.49
C GLU B 267 -45.25 -19.22 15.36
N ALA B 268 -44.64 -18.40 14.51
CA ALA B 268 -43.17 -18.43 14.35
C ALA B 268 -42.43 -17.77 15.52
N ALA B 269 -42.94 -16.64 16.01
CA ALA B 269 -42.38 -15.93 17.18
C ALA B 269 -42.30 -16.82 18.41
N ASP B 270 -43.33 -17.63 18.65
CA ASP B 270 -43.34 -18.57 19.76
C ASP B 270 -42.20 -19.57 19.67
N ILE B 271 -41.95 -20.08 18.45
CA ILE B 271 -40.87 -21.06 18.26
C ILE B 271 -39.53 -20.42 18.48
N VAL B 272 -39.32 -19.22 17.98
CA VAL B 272 -38.08 -18.50 18.23
C VAL B 272 -37.88 -18.16 19.72
N ALA B 273 -38.94 -17.72 20.40
CA ALA B 273 -38.88 -17.58 21.85
C ALA B 273 -38.47 -18.89 22.55
N SER B 274 -39.02 -20.04 22.16
CA SER B 274 -38.60 -21.38 22.69
C SER B 274 -37.11 -21.59 22.78
N ALA B 275 -36.42 -21.14 21.73
CA ALA B 275 -35.03 -21.46 21.50
C ALA B 275 -34.16 -20.39 22.13
N SER B 276 -34.77 -19.32 22.65
CA SER B 276 -34.03 -18.21 23.25
C SER B 276 -34.05 -18.31 24.76
N ASP B 277 -33.09 -17.64 25.38
CA ASP B 277 -32.95 -17.51 26.81
C ASP B 277 -34.10 -16.69 27.39
N GLN B 278 -34.52 -17.05 28.61
CA GLN B 278 -35.60 -16.35 29.34
C GLN B 278 -35.35 -14.81 29.44
N ASP B 279 -34.08 -14.36 29.49
CA ASP B 279 -33.80 -12.90 29.63
C ASP B 279 -33.48 -12.16 28.33
N VAL B 280 -33.60 -12.84 27.19
CA VAL B 280 -33.26 -12.26 25.90
C VAL B 280 -34.10 -11.02 25.70
N ASN B 281 -33.56 -10.09 24.92
CA ASN B 281 -34.32 -8.99 24.37
C ASN B 281 -34.67 -9.42 22.95
N MET B 282 -35.92 -9.83 22.77
CA MET B 282 -36.42 -10.32 21.49
C MET B 282 -37.38 -9.33 20.91
N ILE B 283 -37.16 -8.98 19.64
CA ILE B 283 -38.01 -8.10 18.89
C ILE B 283 -38.29 -8.79 17.56
N PHE B 284 -39.40 -8.48 16.93
CA PHE B 284 -39.69 -9.13 15.66
C PHE B 284 -40.59 -8.30 14.79
N GLY B 285 -40.55 -8.56 13.49
CA GLY B 285 -41.36 -7.85 12.54
C GLY B 285 -41.70 -8.77 11.39
N SER B 286 -42.52 -8.25 10.48
CA SER B 286 -42.97 -8.99 9.31
C SER B 286 -43.23 -8.07 8.12
N VAL B 287 -42.89 -8.52 6.92
CA VAL B 287 -43.11 -7.74 5.73
C VAL B 287 -43.64 -8.64 4.62
N ILE B 288 -44.50 -8.09 3.77
CA ILE B 288 -45.13 -8.86 2.72
C ILE B 288 -44.30 -8.63 1.48
N ASN B 289 -44.29 -9.63 0.62
CA ASN B 289 -43.42 -9.70 -0.53
C ASN B 289 -44.07 -10.62 -1.58
N GLU B 290 -44.55 -10.00 -2.67
CA GLU B 290 -45.36 -10.67 -3.71
C GLU B 290 -44.63 -11.79 -4.43
N ASN B 291 -43.31 -11.66 -4.57
CA ASN B 291 -42.52 -12.69 -5.22
C ASN B 291 -42.76 -14.06 -4.59
N LEU B 292 -42.74 -14.11 -3.26
CA LEU B 292 -43.05 -15.34 -2.52
C LEU B 292 -44.53 -15.67 -2.66
N LYS B 293 -44.83 -16.86 -3.17
CA LYS B 293 -46.20 -17.26 -3.39
C LYS B 293 -46.72 -17.94 -2.14
N ASP B 294 -46.44 -19.23 -2.02
CA ASP B 294 -46.93 -20.06 -0.91
C ASP B 294 -45.82 -20.34 0.11
N GLU B 295 -44.75 -19.57 0.05
CA GLU B 295 -43.51 -19.85 0.75
C GLU B 295 -43.31 -18.75 1.81
N ILE B 296 -42.85 -19.11 3.01
CA ILE B 296 -42.37 -18.07 3.96
C ILE B 296 -40.88 -18.25 4.34
N VAL B 297 -40.23 -17.11 4.63
CA VAL B 297 -38.85 -17.06 5.03
C VAL B 297 -38.79 -16.48 6.42
N VAL B 298 -38.16 -17.21 7.34
CA VAL B 298 -37.89 -16.69 8.69
C VAL B 298 -36.41 -16.49 8.82
N THR B 299 -36.02 -15.27 9.17
CA THR B 299 -34.63 -14.95 9.41
C THR B 299 -34.40 -14.61 10.86
N VAL B 300 -33.43 -15.28 11.50
CA VAL B 300 -33.10 -15.02 12.90
C VAL B 300 -31.67 -14.45 13.01
N ILE B 301 -31.57 -13.30 13.70
CA ILE B 301 -30.30 -12.67 14.00
C ILE B 301 -30.19 -12.67 15.53
N ALA B 302 -29.14 -13.30 16.06
CA ALA B 302 -28.96 -13.41 17.49
C ALA B 302 -27.65 -12.70 17.85
N THR B 303 -27.74 -11.63 18.61
CA THR B 303 -26.55 -10.84 18.93
C THR B 303 -26.18 -11.01 20.39
N GLY B 304 -24.98 -10.53 20.71
CA GLY B 304 -24.47 -10.52 22.05
C GLY B 304 -23.98 -11.85 22.57
N PHE B 305 -23.54 -12.74 21.70
CA PHE B 305 -22.92 -13.99 22.15
C PHE B 305 -21.58 -13.79 22.83
N LEU B 306 -21.50 -14.13 24.12
CA LEU B 306 -20.21 -14.20 24.84
C LEU B 306 -19.69 -15.64 24.78
N GLU B 307 -19.07 -15.96 23.64
CA GLU B 307 -18.51 -17.29 23.31
C GLU B 307 -17.75 -18.03 24.43
N ASN B 308 -17.11 -17.28 25.33
CA ASN B 308 -16.33 -17.85 26.44
C ASN B 308 -17.20 -18.18 27.66
N LEU B 309 -18.09 -17.26 28.05
CA LEU B 309 -19.08 -17.56 29.10
C LEU B 309 -20.10 -18.60 28.57
N TYR B 310 -20.41 -18.52 27.28
CA TYR B 310 -21.29 -19.48 26.61
C TYR B 310 -20.83 -20.94 26.74
N PHE B 311 -19.57 -21.22 26.37
CA PHE B 311 -19.05 -22.61 26.40
C PHE B 311 -18.64 -23.10 27.81
N GLN B 312 -18.56 -22.16 28.75
CA GLN B 312 -18.46 -22.45 30.19
C GLN B 312 -19.76 -23.10 30.73
N GLY B 313 -20.90 -22.83 30.07
CA GLY B 313 -22.21 -23.37 30.48
C GLY B 313 -22.96 -24.23 29.45
N HIS B 314 -22.44 -24.31 28.23
CA HIS B 314 -23.00 -25.13 27.15
C HIS B 314 -21.93 -26.08 26.59
N HIS B 315 -22.37 -27.15 25.93
CA HIS B 315 -21.48 -28.01 25.12
C HIS B 315 -21.38 -27.54 23.65
N HIS B 316 -20.47 -28.18 22.90
CA HIS B 316 -20.37 -28.02 21.44
C HIS B 316 -21.32 -29.00 20.76
#